data_8HNQ
#
_entry.id   8HNQ
#
_cell.length_a   66.114
_cell.length_b   67.582
_cell.length_c   87.487
_cell.angle_alpha   90.00
_cell.angle_beta   90.00
_cell.angle_gamma   90.00
#
_symmetry.space_group_name_H-M   'P 21 21 21'
#
loop_
_entity.id
_entity.type
_entity.pdbx_description
1 polymer 'NADPH-dependent aldo/keto reductase AKR13B2'
2 non-polymer GLYCEROL
3 non-polymer 'NADP NICOTINAMIDE-ADENINE-DINUCLEOTIDE PHOSPHATE'
4 non-polymer 1,4,7,10,13,16-HEXAOXACYCLOOCTADECANE
5 water water
#
_entity_poly.entity_id   1
_entity_poly.type   'polypeptide(L)'
_entity_poly.pdbx_seq_one_letter_code
;PRGSHMSEPNAALAGQFKIGGDLTINRLGFGAMRITGEGIWGQPKDVEEARRVLRRLKALGVNFVDTAESYGPEVSEQLI
ADELYPYDGFVIATKAGLQRPGPNHWVQDGRPEVLRRGLEASLKRLKVERIDLWQLHRIDSKVPRDEQFAAIAGFVKDGL
VRHVGLSEVTVEEIEAAQKYFPVATIQNRYNLFDRASEEELEFCEANAIGFIPWAPLASGRVGGRPVLEAVAQRHGASPG
QIALAWMLKRSPVILPIPGTGKVAHLEENVAAAGITLSEGDMAELE
;
_entity_poly.pdbx_strand_id   A
#
# COMPACT_ATOMS: atom_id res chain seq x y z
N PRO A 1 -2.31 15.83 -17.21
CA PRO A 1 -1.11 16.61 -16.89
C PRO A 1 -0.14 16.77 -18.07
N ARG A 2 0.46 17.95 -18.17
CA ARG A 2 1.32 18.32 -19.28
C ARG A 2 2.80 18.41 -18.92
N GLY A 3 3.15 18.36 -17.63
CA GLY A 3 4.51 18.57 -17.22
C GLY A 3 5.46 17.48 -17.69
N SER A 4 6.76 17.79 -17.59
CA SER A 4 7.79 16.89 -18.10
C SER A 4 7.86 15.58 -17.32
N HIS A 5 7.35 15.54 -16.09
CA HIS A 5 7.31 14.28 -15.34
C HIS A 5 6.45 13.23 -16.04
N MET A 6 5.60 13.64 -16.98
CA MET A 6 4.77 12.73 -17.75
C MET A 6 5.55 11.95 -18.79
N SER A 7 6.74 12.42 -19.17
CA SER A 7 7.37 11.87 -20.37
C SER A 7 7.79 10.41 -20.22
N GLU A 8 8.57 10.07 -19.19
CA GLU A 8 8.92 8.67 -18.99
C GLU A 8 8.84 8.44 -17.49
N PRO A 9 7.67 8.14 -16.98
CA PRO A 9 7.57 7.97 -15.55
C PRO A 9 8.45 6.85 -15.06
N ASN A 10 8.95 7.00 -13.82
CA ASN A 10 9.85 5.99 -13.25
C ASN A 10 9.74 6.07 -11.72
N ALA A 11 9.13 5.03 -11.13
CA ALA A 11 8.93 5.01 -9.68
C ALA A 11 10.24 5.09 -8.90
N ALA A 12 11.37 4.72 -9.51
CA ALA A 12 12.64 4.82 -8.80
C ALA A 12 13.04 6.26 -8.51
N LEU A 13 12.41 7.24 -9.17
CA LEU A 13 12.66 8.64 -8.84
C LEU A 13 12.14 9.01 -7.45
N ALA A 14 11.29 8.16 -6.85
CA ALA A 14 10.82 8.38 -5.48
C ALA A 14 11.84 7.93 -4.44
N GLY A 15 12.94 7.30 -4.86
CA GLY A 15 13.91 6.77 -3.93
C GLY A 15 13.64 5.31 -3.57
N GLN A 16 14.66 4.67 -3.02
CA GLN A 16 14.59 3.26 -2.62
C GLN A 16 14.51 3.16 -1.11
N PHE A 17 13.53 2.40 -0.62
CA PHE A 17 13.38 2.12 0.80
C PHE A 17 13.63 0.65 1.04
N LYS A 18 14.49 0.34 2.01
CA LYS A 18 14.81 -1.04 2.36
C LYS A 18 13.91 -1.44 3.52
N ILE A 19 12.81 -2.12 3.20
CA ILE A 19 11.90 -2.62 4.22
C ILE A 19 12.66 -3.53 5.17
N GLY A 20 12.59 -3.22 6.47
CA GLY A 20 13.36 -3.99 7.43
C GLY A 20 14.86 -3.91 7.21
N GLY A 21 15.32 -2.92 6.46
CA GLY A 21 16.73 -2.84 6.14
C GLY A 21 17.22 -3.84 5.13
N ASP A 22 16.36 -4.65 4.52
CA ASP A 22 16.89 -5.62 3.59
C ASP A 22 16.07 -5.87 2.34
N LEU A 23 14.87 -5.33 2.21
CA LEU A 23 14.01 -5.65 1.07
C LEU A 23 13.70 -4.34 0.35
N THR A 24 14.35 -4.13 -0.80
CA THR A 24 14.36 -2.83 -1.44
C THR A 24 13.15 -2.64 -2.34
N ILE A 25 12.45 -1.50 -2.18
CA ILE A 25 11.39 -1.14 -3.09
C ILE A 25 11.61 0.29 -3.52
N ASN A 26 11.03 0.62 -4.68
CA ASN A 26 10.85 2.01 -5.04
C ASN A 26 9.61 2.51 -4.31
N ARG A 27 9.72 3.68 -3.67
CA ARG A 27 8.71 4.07 -2.68
C ARG A 27 7.34 4.25 -3.29
N LEU A 28 7.27 4.69 -4.54
CA LEU A 28 5.95 4.90 -5.13
C LEU A 28 5.46 3.56 -5.65
N GLY A 29 4.55 2.94 -4.88
CA GLY A 29 4.06 1.61 -5.17
C GLY A 29 2.68 1.64 -5.80
N PHE A 30 2.06 0.47 -5.84
CA PHE A 30 0.77 0.28 -6.51
C PHE A 30 -0.18 -0.39 -5.55
N GLY A 31 -1.32 0.26 -5.30
CA GLY A 31 -2.37 -0.37 -4.52
C GLY A 31 -3.29 -1.21 -5.40
N ALA A 32 -3.41 -2.50 -5.08
CA ALA A 32 -4.12 -3.45 -5.93
C ALA A 32 -5.55 -3.70 -5.47
N MET A 33 -6.10 -2.82 -4.64
CA MET A 33 -7.49 -3.04 -4.20
C MET A 33 -8.50 -2.78 -5.31
N ARG A 34 -8.13 -1.94 -6.28
CA ARG A 34 -9.10 -1.46 -7.26
C ARG A 34 -9.20 -2.35 -8.50
N ILE A 35 -8.43 -3.42 -8.59
CA ILE A 35 -8.60 -4.33 -9.73
C ILE A 35 -9.61 -5.39 -9.33
N THR A 36 -10.74 -4.93 -8.81
CA THR A 36 -11.85 -5.76 -8.35
C THR A 36 -13.13 -5.07 -8.79
N GLY A 37 -14.25 -5.75 -8.63
CA GLY A 37 -15.53 -5.16 -8.98
C GLY A 37 -16.03 -4.21 -7.92
N GLU A 38 -17.15 -3.56 -8.24
CA GLU A 38 -17.78 -2.58 -7.36
C GLU A 38 -18.01 -3.15 -5.96
N GLY A 39 -17.60 -2.40 -4.94
CA GLY A 39 -17.64 -2.92 -3.60
C GLY A 39 -16.43 -3.75 -3.22
N ILE A 40 -15.36 -3.70 -4.02
CA ILE A 40 -14.15 -4.47 -3.83
C ILE A 40 -14.55 -5.94 -3.85
N TRP A 41 -15.28 -6.32 -4.88
CA TRP A 41 -16.04 -7.54 -4.86
C TRP A 41 -16.04 -8.15 -6.25
N GLY A 42 -15.52 -9.36 -6.36
CA GLY A 42 -15.52 -10.04 -7.63
C GLY A 42 -14.51 -9.44 -8.61
N GLN A 43 -14.64 -9.92 -9.85
CA GLN A 43 -13.80 -9.47 -10.94
C GLN A 43 -14.10 -8.01 -11.27
N PRO A 44 -13.09 -7.25 -11.65
CA PRO A 44 -13.39 -5.91 -12.18
C PRO A 44 -14.23 -6.00 -13.44
N LYS A 45 -14.87 -4.89 -13.78
CA LYS A 45 -15.76 -4.85 -14.93
C LYS A 45 -14.97 -5.07 -16.21
N ASP A 46 -13.81 -4.43 -16.33
CA ASP A 46 -12.94 -4.55 -17.49
C ASP A 46 -11.69 -5.31 -17.02
N VAL A 47 -11.78 -6.64 -17.03
CA VAL A 47 -10.72 -7.46 -16.47
C VAL A 47 -9.45 -7.32 -17.30
N GLU A 48 -9.60 -7.21 -18.62
CA GLU A 48 -8.43 -7.10 -19.48
C GLU A 48 -7.65 -5.83 -19.19
N GLU A 49 -8.35 -4.72 -18.91
CA GLU A 49 -7.65 -3.50 -18.53
C GLU A 49 -6.90 -3.68 -17.21
N ALA A 50 -7.53 -4.37 -16.24
CA ALA A 50 -6.84 -4.67 -14.98
C ALA A 50 -5.57 -5.47 -15.23
N ARG A 51 -5.63 -6.45 -16.14
CA ARG A 51 -4.43 -7.22 -16.45
C ARG A 51 -3.35 -6.33 -17.06
N ARG A 52 -3.76 -5.35 -17.88
CA ARG A 52 -2.78 -4.46 -18.49
C ARG A 52 -2.17 -3.50 -17.47
N VAL A 53 -2.94 -3.10 -16.44
CA VAL A 53 -2.34 -2.31 -15.37
C VAL A 53 -1.19 -3.07 -14.72
N LEU A 54 -1.41 -4.33 -14.38
CA LEU A 54 -0.34 -5.12 -13.77
C LEU A 54 0.85 -5.27 -14.70
N ARG A 55 0.59 -5.48 -16.00
CA ARG A 55 1.67 -5.69 -16.97
C ARG A 55 2.49 -4.43 -17.17
N ARG A 56 1.88 -3.27 -16.93
CA ARG A 56 2.53 -1.97 -17.11
C ARG A 56 3.50 -1.62 -15.98
N LEU A 57 3.39 -2.28 -14.83
CA LEU A 57 4.14 -1.86 -13.65
C LEU A 57 5.64 -1.86 -13.88
N LYS A 58 6.16 -2.95 -14.46
CA LYS A 58 7.61 -3.12 -14.54
C LYS A 58 8.26 -1.99 -15.32
N ALA A 59 7.70 -1.66 -16.49
CA ALA A 59 8.31 -0.61 -17.31
C ALA A 59 8.22 0.76 -16.66
N LEU A 60 7.32 0.96 -15.71
CA LEU A 60 7.22 2.22 -14.99
C LEU A 60 8.06 2.23 -13.72
N GLY A 61 8.81 1.15 -13.47
CA GLY A 61 9.64 1.02 -12.30
C GLY A 61 8.90 0.66 -11.02
N VAL A 62 7.62 0.31 -11.10
CA VAL A 62 6.89 -0.04 -9.90
C VAL A 62 7.26 -1.47 -9.52
N ASN A 63 7.79 -1.64 -8.29
CA ASN A 63 8.15 -2.97 -7.82
C ASN A 63 7.56 -3.29 -6.45
N PHE A 64 6.60 -2.50 -6.00
CA PHE A 64 5.94 -2.70 -4.71
C PHE A 64 4.44 -2.71 -4.95
N VAL A 65 3.80 -3.84 -4.62
CA VAL A 65 2.38 -4.07 -4.88
C VAL A 65 1.73 -4.48 -3.58
N ASP A 66 0.68 -3.77 -3.18
CA ASP A 66 -0.05 -4.07 -1.96
C ASP A 66 -1.39 -4.67 -2.32
N THR A 67 -1.66 -5.87 -1.81
CA THR A 67 -2.96 -6.52 -2.02
C THR A 67 -3.42 -7.06 -0.67
N ALA A 68 -4.42 -7.95 -0.70
CA ALA A 68 -4.98 -8.51 0.52
C ALA A 68 -5.82 -9.72 0.14
N GLU A 69 -5.86 -10.71 1.04
CA GLU A 69 -6.77 -11.82 0.82
C GLU A 69 -8.19 -11.33 0.60
N SER A 70 -8.58 -10.26 1.28
CA SER A 70 -9.96 -9.78 1.27
C SER A 70 -10.29 -8.92 0.06
N TYR A 71 -9.34 -8.63 -0.85
CA TYR A 71 -9.65 -7.80 -2.01
C TYR A 71 -10.27 -8.68 -3.10
N GLY A 72 -11.61 -8.72 -3.10
CA GLY A 72 -12.34 -9.56 -4.03
C GLY A 72 -13.48 -10.36 -3.41
N PRO A 73 -13.17 -11.21 -2.41
CA PRO A 73 -11.82 -11.58 -1.97
C PRO A 73 -11.11 -12.42 -3.04
N GLU A 74 -9.80 -12.69 -2.86
CA GLU A 74 -9.03 -13.61 -3.71
C GLU A 74 -8.68 -13.02 -5.07
N VAL A 75 -9.57 -12.21 -5.65
CA VAL A 75 -9.43 -11.80 -7.04
C VAL A 75 -8.13 -11.03 -7.27
N SER A 76 -7.84 -10.09 -6.38
CA SER A 76 -6.66 -9.25 -6.58
C SER A 76 -5.38 -10.08 -6.56
N GLU A 77 -5.23 -10.93 -5.53
CA GLU A 77 -4.07 -11.81 -5.46
C GLU A 77 -3.98 -12.71 -6.70
N GLN A 78 -5.12 -13.23 -7.16
CA GLN A 78 -5.12 -14.12 -8.32
C GLN A 78 -4.65 -13.40 -9.58
N LEU A 79 -5.12 -12.18 -9.82
CA LEU A 79 -4.67 -11.43 -11.00
C LEU A 79 -3.18 -11.11 -10.91
N ILE A 80 -2.72 -10.75 -9.71
CA ILE A 80 -1.29 -10.52 -9.49
C ILE A 80 -0.50 -11.78 -9.83
N ALA A 81 -0.98 -12.94 -9.37
CA ALA A 81 -0.30 -14.18 -9.71
C ALA A 81 -0.33 -14.43 -11.22
N ASP A 82 -1.50 -14.22 -11.85
CA ASP A 82 -1.63 -14.44 -13.30
C ASP A 82 -0.60 -13.64 -14.07
N GLU A 83 -0.42 -12.37 -13.71
CA GLU A 83 0.37 -11.45 -14.53
C GLU A 83 1.81 -11.26 -14.05
N LEU A 84 2.10 -11.45 -12.76
CA LEU A 84 3.41 -11.10 -12.23
C LEU A 84 4.26 -12.28 -11.77
N TYR A 85 3.66 -13.44 -11.50
CA TYR A 85 4.46 -14.60 -11.11
C TYR A 85 5.54 -14.87 -12.16
N PRO A 86 6.77 -15.22 -11.77
CA PRO A 86 7.26 -15.50 -10.43
C PRO A 86 7.82 -14.29 -9.66
N TYR A 87 7.40 -13.07 -10.02
CA TYR A 87 7.66 -11.87 -9.24
C TYR A 87 9.13 -11.46 -9.20
N ASP A 88 9.88 -11.74 -10.27
CA ASP A 88 11.25 -11.26 -10.32
C ASP A 88 11.27 -9.74 -10.25
N GLY A 89 11.98 -9.19 -9.27
CA GLY A 89 12.05 -7.77 -9.10
C GLY A 89 10.86 -7.13 -8.40
N PHE A 90 9.87 -7.91 -7.97
CA PHE A 90 8.68 -7.40 -7.30
C PHE A 90 8.66 -7.80 -5.83
N VAL A 91 8.12 -6.91 -5.00
CA VAL A 91 7.71 -7.23 -3.64
C VAL A 91 6.18 -7.18 -3.62
N ILE A 92 5.54 -8.32 -3.38
CA ILE A 92 4.09 -8.39 -3.18
C ILE A 92 3.83 -8.42 -1.68
N ALA A 93 3.14 -7.41 -1.19
CA ALA A 93 2.65 -7.38 0.19
C ALA A 93 1.20 -7.82 0.21
N THR A 94 0.82 -8.61 1.21
CA THR A 94 -0.59 -8.96 1.33
C THR A 94 -0.99 -8.93 2.79
N LYS A 95 -2.22 -9.36 3.06
CA LYS A 95 -2.84 -9.18 4.37
C LYS A 95 -3.79 -10.34 4.60
N ALA A 96 -4.06 -10.62 5.88
CA ALA A 96 -5.24 -11.38 6.26
C ALA A 96 -5.80 -10.78 7.53
N GLY A 97 -7.05 -11.10 7.82
CA GLY A 97 -7.69 -10.55 9.02
C GLY A 97 -9.09 -10.04 8.78
N LEU A 98 -9.51 -9.88 7.52
CA LEU A 98 -10.87 -9.47 7.19
C LEU A 98 -11.55 -10.55 6.35
N GLN A 99 -12.83 -10.79 6.65
CA GLN A 99 -13.74 -11.62 5.86
C GLN A 99 -14.69 -10.76 5.04
N ARG A 100 -15.24 -11.34 3.98
CA ARG A 100 -16.02 -10.59 2.97
C ARG A 100 -17.35 -11.26 2.70
N PRO A 101 -18.39 -10.94 3.48
CA PRO A 101 -19.73 -11.48 3.17
C PRO A 101 -20.30 -11.00 1.85
N GLY A 102 -19.88 -9.84 1.34
CA GLY A 102 -20.45 -9.30 0.12
C GLY A 102 -19.83 -7.96 -0.25
N PRO A 103 -20.33 -7.33 -1.31
CA PRO A 103 -19.76 -6.04 -1.73
C PRO A 103 -19.92 -4.98 -0.66
N ASN A 104 -18.84 -4.23 -0.41
CA ASN A 104 -18.78 -3.17 0.59
C ASN A 104 -18.96 -3.67 2.03
N HIS A 105 -18.99 -4.97 2.25
CA HIS A 105 -19.28 -5.57 3.55
C HIS A 105 -18.01 -6.28 4.03
N TRP A 106 -17.52 -5.89 5.21
CA TRP A 106 -16.26 -6.35 5.76
C TRP A 106 -16.47 -6.82 7.19
N VAL A 107 -15.77 -7.87 7.59
CA VAL A 107 -15.86 -8.39 8.95
C VAL A 107 -14.46 -8.69 9.47
N GLN A 108 -14.14 -8.16 10.65
CA GLN A 108 -12.85 -8.47 11.23
C GLN A 108 -12.89 -9.84 11.89
N ASP A 109 -11.90 -10.68 11.58
CA ASP A 109 -11.76 -12.02 12.17
C ASP A 109 -10.27 -12.29 12.31
N GLY A 110 -9.73 -11.96 13.48
CA GLY A 110 -8.35 -12.17 13.81
C GLY A 110 -8.05 -13.41 14.63
N ARG A 111 -8.99 -14.35 14.73
CA ARG A 111 -8.70 -15.61 15.41
C ARG A 111 -7.47 -16.25 14.80
N PRO A 112 -6.51 -16.73 15.60
CA PRO A 112 -5.24 -17.23 15.03
C PRO A 112 -5.43 -18.27 13.94
N GLU A 113 -6.37 -19.19 14.10
CA GLU A 113 -6.57 -20.21 13.09
C GLU A 113 -7.10 -19.62 11.78
N VAL A 114 -7.85 -18.52 11.87
CA VAL A 114 -8.38 -17.87 10.67
C VAL A 114 -7.29 -17.05 9.99
N LEU A 115 -6.45 -16.38 10.78
CA LEU A 115 -5.28 -15.72 10.21
C LEU A 115 -4.40 -16.71 9.46
N ARG A 116 -4.18 -17.90 10.05
CA ARG A 116 -3.32 -18.89 9.43
C ARG A 116 -3.93 -19.42 8.13
N ARG A 117 -5.25 -19.65 8.13
CA ARG A 117 -5.90 -20.11 6.90
C ARG A 117 -5.78 -19.06 5.80
N GLY A 118 -5.92 -17.78 6.14
CA GLY A 118 -5.77 -16.73 5.14
C GLY A 118 -4.36 -16.68 4.58
N LEU A 119 -3.35 -16.76 5.45
CA LEU A 119 -1.97 -16.76 5.00
C LEU A 119 -1.68 -17.95 4.09
N GLU A 120 -2.16 -19.14 4.48
CA GLU A 120 -1.92 -20.33 3.65
C GLU A 120 -2.61 -20.19 2.30
N ALA A 121 -3.81 -19.60 2.27
CA ALA A 121 -4.50 -19.38 1.01
C ALA A 121 -3.75 -18.40 0.11
N SER A 122 -3.15 -17.35 0.69
CA SER A 122 -2.35 -16.40 -0.07
C SER A 122 -1.10 -17.07 -0.65
N LEU A 123 -0.39 -17.85 0.16
CA LEU A 123 0.77 -18.60 -0.33
C LEU A 123 0.40 -19.44 -1.53
N LYS A 124 -0.73 -20.16 -1.45
CA LYS A 124 -1.13 -21.05 -2.53
C LYS A 124 -1.57 -20.27 -3.77
N ARG A 125 -2.36 -19.18 -3.62
CA ARG A 125 -2.74 -18.36 -4.77
C ARG A 125 -1.55 -17.70 -5.42
N LEU A 126 -0.69 -17.05 -4.62
CA LEU A 126 0.47 -16.36 -5.17
C LEU A 126 1.54 -17.34 -5.65
N LYS A 127 1.45 -18.60 -5.23
CA LYS A 127 2.40 -19.66 -5.61
C LYS A 127 3.81 -19.36 -5.11
N VAL A 128 3.92 -19.00 -3.82
CA VAL A 128 5.20 -18.74 -3.19
C VAL A 128 5.29 -19.55 -1.91
N GLU A 129 6.52 -19.71 -1.40
CA GLU A 129 6.73 -20.39 -0.13
C GLU A 129 6.66 -19.44 1.06
N ARG A 130 6.80 -18.14 0.83
CA ARG A 130 6.93 -17.17 1.91
C ARG A 130 6.44 -15.82 1.41
N ILE A 131 5.70 -15.11 2.24
CA ILE A 131 5.22 -13.77 1.90
C ILE A 131 6.33 -12.78 2.29
N ASP A 132 6.72 -11.93 1.35
CA ASP A 132 7.75 -10.93 1.62
C ASP A 132 7.31 -9.96 2.73
N LEU A 133 6.13 -9.35 2.59
CA LEU A 133 5.61 -8.44 3.61
C LEU A 133 4.17 -8.85 3.86
N TRP A 134 3.89 -9.42 5.03
CA TRP A 134 2.56 -9.85 5.41
C TRP A 134 2.03 -8.95 6.52
N GLN A 135 0.81 -8.45 6.35
CA GLN A 135 0.27 -7.41 7.22
C GLN A 135 -0.98 -7.91 7.93
N LEU A 136 -1.03 -7.69 9.23
CA LEU A 136 -2.26 -7.90 9.99
C LEU A 136 -3.26 -6.82 9.57
N HIS A 137 -4.32 -7.22 8.87
CA HIS A 137 -5.17 -6.23 8.22
C HIS A 137 -5.83 -5.30 9.25
N ARG A 138 -6.30 -5.86 10.36
CA ARG A 138 -6.72 -5.11 11.53
C ARG A 138 -6.46 -5.97 12.76
N ILE A 139 -6.08 -5.32 13.86
CA ILE A 139 -6.14 -6.01 15.15
C ILE A 139 -7.62 -6.21 15.50
N ASP A 140 -8.04 -7.48 15.58
CA ASP A 140 -9.45 -7.78 15.86
C ASP A 140 -9.73 -7.50 17.34
N SER A 141 -10.60 -6.52 17.61
CA SER A 141 -10.89 -6.19 19.01
C SER A 141 -11.65 -7.30 19.73
N LYS A 142 -12.18 -8.28 19.01
CA LYS A 142 -12.92 -9.39 19.60
C LYS A 142 -12.01 -10.53 20.03
N VAL A 143 -10.72 -10.48 19.71
CA VAL A 143 -9.75 -11.52 20.05
C VAL A 143 -8.63 -10.86 20.83
N PRO A 144 -8.13 -11.47 21.90
CA PRO A 144 -7.03 -10.86 22.65
C PRO A 144 -5.84 -10.56 21.74
N ARG A 145 -5.35 -9.32 21.85
CA ARG A 145 -4.23 -8.83 21.04
C ARG A 145 -3.06 -9.80 21.04
N ASP A 146 -2.69 -10.28 22.24
CA ASP A 146 -1.49 -11.09 22.39
C ASP A 146 -1.62 -12.43 21.69
N GLU A 147 -2.83 -12.97 21.55
CA GLU A 147 -2.98 -14.21 20.81
C GLU A 147 -2.78 -13.99 19.32
N GLN A 148 -3.22 -12.84 18.81
CA GLN A 148 -2.96 -12.55 17.40
C GLN A 148 -1.47 -12.32 17.16
N PHE A 149 -0.84 -11.54 18.04
CA PHE A 149 0.60 -11.31 17.89
C PHE A 149 1.37 -12.60 18.01
N ALA A 150 0.94 -13.50 18.91
CA ALA A 150 1.64 -14.77 19.08
C ALA A 150 1.47 -15.65 17.85
N ALA A 151 0.28 -15.65 17.24
CA ALA A 151 0.12 -16.39 15.99
C ALA A 151 1.06 -15.89 14.92
N ILE A 152 1.19 -14.57 14.80
CA ILE A 152 2.04 -13.99 13.77
C ILE A 152 3.51 -14.30 14.02
N ALA A 153 3.95 -14.24 15.29
CA ALA A 153 5.30 -14.70 15.61
C ALA A 153 5.52 -16.13 15.12
N GLY A 154 4.50 -16.98 15.25
CA GLY A 154 4.61 -18.34 14.72
C GLY A 154 4.76 -18.40 13.21
N PHE A 155 4.05 -17.53 12.49
CA PHE A 155 4.24 -17.44 11.04
C PHE A 155 5.68 -17.15 10.70
N VAL A 156 6.31 -16.20 11.41
CA VAL A 156 7.69 -15.84 11.16
C VAL A 156 8.62 -17.02 11.46
N LYS A 157 8.52 -17.57 12.67
CA LYS A 157 9.27 -18.79 13.02
C LYS A 157 9.09 -19.91 12.01
N ASP A 158 7.86 -20.13 11.54
CA ASP A 158 7.64 -21.16 10.55
C ASP A 158 8.20 -20.79 9.17
N GLY A 159 8.75 -19.60 9.00
CA GLY A 159 9.29 -19.22 7.71
C GLY A 159 8.26 -18.89 6.65
N LEU A 160 7.01 -18.67 7.03
CA LEU A 160 5.95 -18.36 6.07
C LEU A 160 5.84 -16.87 5.78
N VAL A 161 6.37 -16.04 6.67
CA VAL A 161 6.32 -14.60 6.54
C VAL A 161 7.72 -14.07 6.76
N ARG A 162 8.18 -13.25 5.82
CA ARG A 162 9.50 -12.63 5.95
C ARG A 162 9.49 -11.35 6.81
N HIS A 163 8.73 -10.33 6.39
CA HIS A 163 8.56 -9.11 7.17
C HIS A 163 7.09 -8.97 7.53
N VAL A 164 6.82 -8.39 8.69
CA VAL A 164 5.46 -8.22 9.22
C VAL A 164 5.11 -6.73 9.21
N GLY A 165 3.91 -6.41 8.74
CA GLY A 165 3.39 -5.07 8.87
C GLY A 165 2.12 -5.02 9.70
N LEU A 166 1.77 -3.86 10.25
CA LEU A 166 0.48 -3.65 10.88
C LEU A 166 -0.35 -2.69 10.03
N SER A 167 -1.62 -2.50 10.41
CA SER A 167 -2.46 -1.59 9.65
C SER A 167 -3.48 -0.89 10.55
N GLU A 168 -3.56 0.43 10.41
CA GLU A 168 -4.47 1.30 11.18
C GLU A 168 -4.26 1.11 12.69
N VAL A 169 -3.01 1.33 13.11
CA VAL A 169 -2.59 1.11 14.48
C VAL A 169 -2.06 2.40 15.08
N THR A 170 -2.11 2.47 16.40
CA THR A 170 -1.49 3.52 17.19
C THR A 170 -0.05 3.16 17.55
N VAL A 171 0.67 4.16 18.06
CA VAL A 171 2.01 3.91 18.59
C VAL A 171 1.97 2.84 19.67
N GLU A 172 0.99 2.94 20.58
CA GLU A 172 0.87 1.96 21.65
C GLU A 172 0.73 0.54 21.07
N GLU A 173 -0.07 0.38 20.02
CA GLU A 173 -0.25 -0.95 19.44
C GLU A 173 1.02 -1.44 18.74
N ILE A 174 1.75 -0.53 18.09
CA ILE A 174 3.03 -0.92 17.50
C ILE A 174 3.99 -1.43 18.57
N GLU A 175 4.13 -0.68 19.65
CA GLU A 175 5.08 -1.10 20.70
C GLU A 175 4.66 -2.43 21.31
N ALA A 176 3.35 -2.68 21.43
CA ALA A 176 2.90 -3.98 21.93
C ALA A 176 3.25 -5.09 20.95
N ALA A 177 2.99 -4.87 19.66
CA ALA A 177 3.36 -5.85 18.64
C ALA A 177 4.87 -6.10 18.63
N GLN A 178 5.66 -5.06 18.89
CA GLN A 178 7.10 -5.22 18.82
C GLN A 178 7.65 -6.22 19.84
N LYS A 179 6.90 -6.52 20.90
CA LYS A 179 7.32 -7.55 21.83
C LYS A 179 7.29 -8.95 21.22
N TYR A 180 6.63 -9.11 20.07
CA TYR A 180 6.49 -10.42 19.45
C TYR A 180 7.25 -10.55 18.15
N PHE A 181 7.37 -9.47 17.39
CA PHE A 181 8.05 -9.48 16.10
C PHE A 181 8.46 -8.07 15.77
N PRO A 182 9.48 -7.88 14.94
CA PRO A 182 9.76 -6.54 14.42
C PRO A 182 8.62 -6.08 13.55
N VAL A 183 8.26 -4.81 13.69
CA VAL A 183 7.24 -4.20 12.85
C VAL A 183 7.99 -3.49 11.72
N ALA A 184 7.97 -4.10 10.53
CA ALA A 184 8.71 -3.53 9.39
C ALA A 184 8.00 -2.34 8.77
N THR A 185 6.67 -2.36 8.74
CA THR A 185 5.88 -1.26 8.18
C THR A 185 4.59 -1.14 8.98
N ILE A 186 3.93 0.02 8.87
CA ILE A 186 2.51 0.11 9.19
C ILE A 186 1.81 0.74 7.99
N GLN A 187 0.51 0.45 7.88
CA GLN A 187 -0.31 0.96 6.79
C GLN A 187 -1.51 1.65 7.42
N ASN A 188 -1.46 2.98 7.49
CA ASN A 188 -2.49 3.80 8.12
C ASN A 188 -3.05 4.79 7.10
N ARG A 189 -4.34 5.11 7.21
CA ARG A 189 -4.90 6.15 6.37
C ARG A 189 -4.16 7.46 6.60
N TYR A 190 -3.75 8.10 5.50
CA TYR A 190 -2.95 9.33 5.58
C TYR A 190 -2.90 9.99 4.21
N ASN A 191 -3.12 11.30 4.16
CA ASN A 191 -2.96 12.07 2.94
C ASN A 191 -2.95 13.54 3.33
N LEU A 192 -2.85 14.41 2.33
CA LEU A 192 -2.72 15.84 2.60
C LEU A 192 -3.90 16.37 3.43
N PHE A 193 -5.09 15.79 3.26
CA PHE A 193 -6.30 16.25 3.94
C PHE A 193 -6.66 15.46 5.19
N ASP A 194 -5.93 14.38 5.50
CA ASP A 194 -6.24 13.53 6.65
C ASP A 194 -4.91 13.14 7.29
N ARG A 195 -4.51 13.91 8.30
CA ARG A 195 -3.25 13.68 9.01
C ARG A 195 -3.49 13.28 10.46
N ALA A 196 -4.57 12.56 10.73
CA ALA A 196 -4.82 12.04 12.07
C ALA A 196 -3.70 11.11 12.55
N SER A 197 -3.02 10.42 11.64
CA SER A 197 -1.94 9.51 12.03
C SER A 197 -0.57 10.18 12.05
N GLU A 198 -0.51 11.50 12.24
CA GLU A 198 0.76 12.21 12.17
C GLU A 198 1.73 11.71 13.23
N GLU A 199 1.23 11.43 14.45
CA GLU A 199 2.10 10.94 15.52
C GLU A 199 2.69 9.58 15.18
N GLU A 200 1.89 8.69 14.59
CA GLU A 200 2.40 7.39 14.18
C GLU A 200 3.45 7.54 13.09
N LEU A 201 3.24 8.46 12.15
CA LEU A 201 4.23 8.70 11.11
C LEU A 201 5.57 9.12 11.72
N GLU A 202 5.54 10.04 12.69
CA GLU A 202 6.76 10.47 13.33
C GLU A 202 7.44 9.33 14.07
N PHE A 203 6.65 8.48 14.74
CA PHE A 203 7.21 7.30 15.38
C PHE A 203 7.87 6.37 14.35
N CYS A 204 7.21 6.14 13.22
CA CYS A 204 7.82 5.29 12.20
C CYS A 204 9.14 5.88 11.72
N GLU A 205 9.16 7.18 11.44
CA GLU A 205 10.39 7.81 10.98
C GLU A 205 11.50 7.70 12.03
N ALA A 206 11.15 7.90 13.29
CA ALA A 206 12.16 7.82 14.35
C ALA A 206 12.69 6.42 14.54
N ASN A 207 11.97 5.40 14.05
CA ASN A 207 12.33 4.01 14.28
C ASN A 207 12.59 3.26 12.98
N ALA A 208 12.72 3.99 11.86
CA ALA A 208 13.05 3.41 10.57
C ALA A 208 11.99 2.40 10.11
N ILE A 209 10.74 2.64 10.47
CA ILE A 209 9.62 1.80 10.05
C ILE A 209 9.00 2.44 8.82
N GLY A 210 8.69 1.63 7.81
CA GLY A 210 8.02 2.17 6.63
C GLY A 210 6.57 2.53 6.94
N PHE A 211 6.13 3.66 6.40
CA PHE A 211 4.77 4.13 6.63
C PHE A 211 4.04 4.10 5.28
N ILE A 212 3.10 3.19 5.14
CA ILE A 212 2.34 3.00 3.91
C ILE A 212 1.03 3.76 4.06
N PRO A 213 0.85 4.90 3.38
CA PRO A 213 -0.42 5.62 3.53
C PRO A 213 -1.47 4.99 2.63
N TRP A 214 -2.57 4.55 3.23
CA TRP A 214 -3.65 4.13 2.35
C TRP A 214 -4.61 5.30 2.13
N ALA A 215 -5.39 5.18 1.06
CA ALA A 215 -6.11 6.31 0.47
C ALA A 215 -5.18 7.52 0.29
N PRO A 216 -4.05 7.35 -0.40
CA PRO A 216 -3.12 8.49 -0.57
C PRO A 216 -3.67 9.55 -1.49
N LEU A 217 -4.61 9.20 -2.37
CA LEU A 217 -5.33 10.16 -3.19
C LEU A 217 -6.68 10.49 -2.58
N ALA A 218 -6.85 10.30 -1.27
CA ALA A 218 -8.13 10.44 -0.55
C ALA A 218 -9.29 9.79 -1.31
N SER A 219 -9.07 8.55 -1.76
CA SER A 219 -10.05 7.78 -2.53
C SER A 219 -10.43 8.47 -3.83
N GLY A 220 -9.48 9.18 -4.45
CA GLY A 220 -9.68 9.89 -5.68
C GLY A 220 -10.31 11.27 -5.55
N ARG A 221 -10.68 11.70 -4.36
CA ARG A 221 -11.44 12.94 -4.17
C ARG A 221 -10.49 14.09 -3.86
N VAL A 222 -9.73 14.48 -4.88
CA VAL A 222 -8.72 15.54 -4.76
C VAL A 222 -9.18 16.86 -5.38
N GLY A 223 -10.45 16.94 -5.81
CA GLY A 223 -10.92 18.13 -6.50
C GLY A 223 -11.44 19.20 -5.57
N GLY A 224 -11.55 20.42 -6.12
CA GLY A 224 -12.24 21.52 -5.46
C GLY A 224 -11.44 22.34 -4.48
N ARG A 225 -10.12 22.32 -4.54
CA ARG A 225 -9.29 23.03 -3.56
C ARG A 225 -8.31 23.98 -4.23
N PRO A 226 -8.53 25.29 -4.13
CA PRO A 226 -7.75 26.24 -4.94
C PRO A 226 -6.25 26.16 -4.73
N VAL A 227 -5.79 25.92 -3.51
CA VAL A 227 -4.36 25.98 -3.25
C VAL A 227 -3.67 24.77 -3.85
N LEU A 228 -4.27 23.58 -3.71
CA LEU A 228 -3.76 22.38 -4.37
C LEU A 228 -3.71 22.57 -5.88
N GLU A 229 -4.79 23.09 -6.46
CA GLU A 229 -4.84 23.33 -7.91
C GLU A 229 -3.75 24.29 -8.35
N ALA A 230 -3.47 25.32 -7.55
CA ALA A 230 -2.43 26.29 -7.95
C ALA A 230 -1.05 25.65 -7.93
N VAL A 231 -0.77 24.82 -6.93
CA VAL A 231 0.52 24.13 -6.90
C VAL A 231 0.62 23.18 -8.09
N ALA A 232 -0.48 22.48 -8.40
CA ALA A 232 -0.50 21.58 -9.56
C ALA A 232 -0.25 22.34 -10.86
N GLN A 233 -0.92 23.47 -11.06
CA GLN A 233 -0.80 24.18 -12.33
C GLN A 233 0.65 24.62 -12.56
N ARG A 234 1.32 25.05 -11.50
CA ARG A 234 2.70 25.49 -11.56
C ARG A 234 3.64 24.38 -12.03
N HIS A 235 3.28 23.12 -11.77
CA HIS A 235 4.11 21.99 -12.12
C HIS A 235 3.61 21.26 -13.36
N GLY A 236 2.61 21.81 -14.04
CA GLY A 236 1.98 21.06 -15.12
C GLY A 236 1.46 19.72 -14.67
N ALA A 237 0.95 19.65 -13.45
CA ALA A 237 0.57 18.42 -12.78
C ALA A 237 -0.94 18.43 -12.52
N SER A 238 -1.47 17.27 -12.15
CA SER A 238 -2.82 17.17 -11.63
C SER A 238 -2.81 17.33 -10.11
N PRO A 239 -3.95 17.70 -9.50
CA PRO A 239 -3.99 17.74 -8.02
C PRO A 239 -3.65 16.40 -7.39
N GLY A 240 -4.07 15.29 -7.99
CA GLY A 240 -3.70 13.99 -7.44
C GLY A 240 -2.20 13.75 -7.43
N GLN A 241 -1.50 14.18 -8.48
CA GLN A 241 -0.05 14.04 -8.52
C GLN A 241 0.62 14.87 -7.42
N ILE A 242 0.11 16.06 -7.16
CA ILE A 242 0.69 16.89 -6.10
C ILE A 242 0.43 16.25 -4.74
N ALA A 243 -0.76 15.64 -4.56
CA ALA A 243 -1.04 14.92 -3.33
C ALA A 243 -0.01 13.82 -3.09
N LEU A 244 0.38 13.12 -4.15
CA LEU A 244 1.39 12.07 -4.01
C LEU A 244 2.78 12.66 -3.80
N ALA A 245 3.14 13.67 -4.60
CA ALA A 245 4.43 14.33 -4.41
C ALA A 245 4.54 14.95 -3.02
N TRP A 246 3.42 15.44 -2.48
CA TRP A 246 3.43 16.01 -1.13
C TRP A 246 3.84 14.98 -0.10
N MET A 247 3.21 13.80 -0.13
CA MET A 247 3.52 12.84 0.92
C MET A 247 4.91 12.23 0.72
N LEU A 248 5.38 12.13 -0.52
CA LEU A 248 6.75 11.69 -0.75
C LEU A 248 7.77 12.64 -0.12
N LYS A 249 7.50 13.95 -0.16
CA LYS A 249 8.42 14.92 0.44
C LYS A 249 8.18 15.07 1.94
N ARG A 250 6.94 14.80 2.39
CA ARG A 250 6.62 14.98 3.81
C ARG A 250 7.55 14.16 4.70
N SER A 251 7.77 12.88 4.35
CA SER A 251 8.60 12.05 5.18
C SER A 251 9.37 11.05 4.33
N PRO A 252 10.64 10.78 4.66
CA PRO A 252 11.42 9.81 3.89
C PRO A 252 11.05 8.35 4.13
N VAL A 253 10.10 8.05 5.02
CA VAL A 253 9.65 6.66 5.22
C VAL A 253 8.28 6.40 4.60
N ILE A 254 7.73 7.34 3.88
CA ILE A 254 6.38 7.17 3.34
C ILE A 254 6.47 6.40 2.03
N LEU A 255 5.57 5.43 1.87
CA LEU A 255 5.54 4.50 0.74
C LEU A 255 4.14 4.49 0.14
N PRO A 256 3.83 5.44 -0.73
CA PRO A 256 2.46 5.59 -1.24
C PRO A 256 2.07 4.43 -2.15
N ILE A 257 0.81 4.02 -2.03
CA ILE A 257 0.30 2.93 -2.86
C ILE A 257 -0.99 3.36 -3.53
N PRO A 258 -0.98 4.39 -4.38
CA PRO A 258 -2.22 4.80 -5.07
C PRO A 258 -2.82 3.63 -5.83
N GLY A 259 -4.13 3.51 -5.77
CA GLY A 259 -4.86 2.39 -6.34
C GLY A 259 -5.60 2.83 -7.59
N THR A 260 -5.52 2.01 -8.63
CA THR A 260 -6.27 2.29 -9.84
C THR A 260 -6.49 0.98 -10.60
N GLY A 261 -7.53 0.99 -11.43
CA GLY A 261 -7.75 -0.07 -12.39
C GLY A 261 -7.58 0.38 -13.84
N LYS A 262 -6.94 1.52 -14.08
CA LYS A 262 -6.76 2.04 -15.43
C LYS A 262 -5.29 2.37 -15.71
N VAL A 263 -4.81 1.96 -16.89
CA VAL A 263 -3.41 2.19 -17.24
C VAL A 263 -3.10 3.68 -17.28
N ALA A 264 -4.00 4.48 -17.86
CA ALA A 264 -3.73 5.91 -17.95
C ALA A 264 -3.54 6.53 -16.58
N HIS A 265 -4.32 6.09 -15.58
CA HIS A 265 -4.20 6.63 -14.24
C HIS A 265 -2.95 6.11 -13.54
N LEU A 266 -2.62 4.84 -13.75
CA LEU A 266 -1.37 4.30 -13.24
C LEU A 266 -0.18 5.14 -13.72
N GLU A 267 -0.13 5.44 -15.02
CA GLU A 267 0.97 6.25 -15.54
C GLU A 267 1.00 7.62 -14.89
N GLU A 268 -0.16 8.26 -14.74
CA GLU A 268 -0.21 9.56 -14.09
C GLU A 268 0.28 9.46 -12.64
N ASN A 269 -0.08 8.39 -11.94
CA ASN A 269 0.30 8.27 -10.55
C ASN A 269 1.81 8.07 -10.41
N VAL A 270 2.41 7.24 -11.27
CA VAL A 270 3.85 7.00 -11.18
C VAL A 270 4.61 8.26 -11.55
N ALA A 271 4.08 9.03 -12.51
CA ALA A 271 4.72 10.26 -12.95
C ALA A 271 4.88 11.26 -11.81
N ALA A 272 4.06 11.14 -10.76
CA ALA A 272 4.21 12.02 -9.61
C ALA A 272 5.57 11.89 -8.95
N ALA A 273 6.24 10.75 -9.11
CA ALA A 273 7.57 10.59 -8.54
C ALA A 273 8.59 11.50 -9.20
N GLY A 274 8.32 11.99 -10.40
CA GLY A 274 9.23 12.88 -11.08
C GLY A 274 9.05 14.36 -10.78
N ILE A 275 8.16 14.70 -9.86
CA ILE A 275 7.90 16.09 -9.49
C ILE A 275 8.82 16.52 -8.35
N THR A 276 9.38 17.72 -8.45
CA THR A 276 10.18 18.29 -7.37
C THR A 276 9.42 19.49 -6.80
N LEU A 277 8.89 19.32 -5.61
CA LEU A 277 8.22 20.41 -4.91
C LEU A 277 9.25 21.25 -4.16
N SER A 278 8.98 22.55 -4.09
CA SER A 278 9.80 23.46 -3.31
C SER A 278 9.28 23.51 -1.88
N GLU A 279 10.03 24.18 -1.03
CA GLU A 279 9.53 24.30 0.32
C GLU A 279 8.49 25.40 0.42
N GLY A 280 8.53 26.39 -0.48
CA GLY A 280 7.34 27.17 -0.71
C GLY A 280 6.09 26.32 -1.00
N ASP A 281 6.20 25.35 -1.91
CA ASP A 281 5.06 24.49 -2.22
C ASP A 281 4.53 23.80 -0.97
N MET A 282 5.43 23.24 -0.16
CA MET A 282 4.99 22.51 1.02
C MET A 282 4.34 23.44 2.03
N ALA A 283 4.91 24.64 2.21
CA ALA A 283 4.30 25.63 3.08
C ALA A 283 2.90 25.98 2.64
N GLU A 284 2.69 26.16 1.33
CA GLU A 284 1.37 26.50 0.84
C GLU A 284 0.39 25.35 1.06
N LEU A 285 0.83 24.12 0.85
CA LEU A 285 -0.09 22.98 0.96
C LEU A 285 -0.49 22.71 2.39
N GLU A 286 0.31 23.11 3.37
CA GLU A 286 -0.01 22.79 4.75
C GLU A 286 -0.65 23.94 5.49
#